data_6DY7
#
_entry.id   6DY7
#
_cell.length_a   81.162
_cell.length_b   86.272
_cell.length_c   40.594
_cell.angle_alpha   90.000
_cell.angle_beta   90.000
_cell.angle_gamma   90.000
#
_symmetry.space_group_name_H-M   'P 21 21 2'
#
loop_
_entity.id
_entity.type
_entity.pdbx_description
1 polymer 'WD repeat-containing protein 5'
2 non-polymer N-[3-(2,4-dichlorophenoxy)propyl]-1H-imidazol-2-amine
3 non-polymer 'DIMETHYL SULFOXIDE'
4 non-polymer 'SULFATE ION'
5 water water
#
_entity_poly.entity_id   1
_entity_poly.type   'polypeptide(L)'
_entity_poly.pdbx_seq_one_letter_code
;VKPNYALKFTLAGHTKAVSSVKFSPNGEWLASSSADKLIKIWGAYDGKFEKTISGHKLGISDVAWSSDSNLLVSASDDKT
LKIWDVSSGKCLKTLKGHSNYVFCCNFNPQSNLIVSGSFDESVRIWDVKTGKCLKTLPAHSDPVSAVHFNRDGSLIVSSS
YDGLCRIWDTASGQCLKTLIDDDNPPVSFVKFSPNGKYILAATLDNTLKLWDYSKGKCLKTYTGHKNEKYCIFANFSVTG
GKWIVSGSEDNLVYIWNLQTKEIVQKLQGHTDVVISTACHPTENIIASAALENDKTIKLWKSDC
;
_entity_poly.pdbx_strand_id   A
#
loop_
_chem_comp.id
_chem_comp.type
_chem_comp.name
_chem_comp.formula
DMS non-polymer 'DIMETHYL SULFOXIDE' 'C2 H6 O S'
HH7 non-polymer N-[3-(2,4-dichlorophenoxy)propyl]-1H-imidazol-2-amine 'C12 H13 Cl2 N3 O'
SO4 non-polymer 'SULFATE ION' 'O4 S -2'
#
# COMPACT_ATOMS: atom_id res chain seq x y z
N VAL A 1 17.32 -19.82 -3.76
CA VAL A 1 16.84 -19.44 -5.08
C VAL A 1 15.31 -19.42 -5.09
N LYS A 2 14.72 -20.15 -4.16
CA LYS A 2 13.28 -20.17 -3.93
C LYS A 2 13.00 -20.01 -2.45
N PRO A 3 11.97 -19.25 -2.09
CA PRO A 3 11.57 -19.20 -0.68
C PRO A 3 10.62 -20.34 -0.33
N ASN A 4 10.38 -20.57 0.96
CA ASN A 4 9.39 -21.57 1.36
C ASN A 4 8.43 -21.02 2.41
N TYR A 5 7.70 -19.98 2.03
CA TYR A 5 6.71 -19.37 2.91
C TYR A 5 5.61 -20.36 3.26
N ALA A 6 5.32 -20.48 4.55
CA ALA A 6 4.28 -21.37 5.00
C ALA A 6 3.40 -20.66 6.02
N LEU A 7 2.11 -21.01 6.03
CA LEU A 7 1.16 -20.37 6.92
C LEU A 7 1.52 -20.59 8.38
N LYS A 8 1.55 -19.51 9.16
CA LYS A 8 1.82 -19.59 10.59
C LYS A 8 0.62 -19.16 11.40
N PHE A 9 -0.04 -18.08 10.97
CA PHE A 9 -1.19 -17.57 11.70
C PHE A 9 -2.27 -17.06 10.77
N THR A 10 -3.52 -17.26 11.16
CA THR A 10 -4.66 -16.65 10.48
C THR A 10 -5.36 -15.70 11.45
N LEU A 11 -5.49 -14.45 11.04
CA LEU A 11 -5.98 -13.39 11.92
C LEU A 11 -7.41 -13.03 11.54
N ALA A 12 -8.35 -13.34 12.43
CA ALA A 12 -9.75 -13.09 12.14
C ALA A 12 -10.32 -12.06 13.10
N GLY A 13 -11.18 -11.17 12.58
CA GLY A 13 -11.77 -10.15 13.43
C GLY A 13 -12.53 -9.07 12.68
N HIS A 14 -12.02 -8.64 11.54
CA HIS A 14 -12.76 -7.69 10.71
C HIS A 14 -14.05 -8.35 10.22
N THR A 15 -15.11 -7.55 10.13
CA THR A 15 -16.41 -8.10 9.78
C THR A 15 -16.80 -7.81 8.34
N LYS A 16 -15.93 -7.08 7.65
CA LYS A 16 -16.06 -6.85 6.22
C LYS A 16 -14.69 -6.99 5.58
N ALA A 17 -14.63 -6.81 4.26
CA ALA A 17 -13.38 -6.91 3.51
C ALA A 17 -12.23 -6.14 4.16
N VAL A 18 -11.06 -6.75 4.20
CA VAL A 18 -9.87 -6.05 4.65
C VAL A 18 -9.30 -5.31 3.44
N SER A 19 -8.89 -4.07 3.63
CA SER A 19 -8.42 -3.28 2.49
C SER A 19 -6.91 -3.15 2.40
N SER A 20 -6.26 -3.18 3.57
N SER A 20 -6.26 -3.15 3.56
CA SER A 20 -4.82 -2.93 3.63
CA SER A 20 -4.81 -2.98 3.60
C SER A 20 -4.20 -3.46 4.91
C SER A 20 -4.21 -3.51 4.90
N VAL A 21 -2.97 -3.99 4.80
CA VAL A 21 -2.20 -4.42 5.96
C VAL A 21 -0.79 -3.86 5.83
N LYS A 22 -0.23 -3.37 6.93
CA LYS A 22 1.12 -2.78 6.95
C LYS A 22 1.88 -3.14 8.23
N PHE A 23 3.14 -3.52 8.09
CA PHE A 23 3.99 -3.77 9.25
C PHE A 23 4.57 -2.45 9.77
N SER A 24 4.57 -2.28 11.10
CA SER A 24 5.22 -1.13 11.70
C SER A 24 6.71 -1.18 11.38
N PRO A 25 7.33 -0.01 11.19
CA PRO A 25 8.76 0.02 10.85
C PRO A 25 9.64 -0.66 11.92
N ASN A 26 9.21 -0.67 13.18
CA ASN A 26 10.01 -1.33 14.21
C ASN A 26 9.76 -2.84 14.27
N GLY A 27 8.90 -3.33 13.38
CA GLY A 27 8.69 -4.77 13.22
C GLY A 27 7.81 -5.45 14.25
N GLU A 28 7.27 -4.69 15.20
CA GLU A 28 6.51 -5.28 16.30
C GLU A 28 5.03 -5.48 16.00
N TRP A 29 4.49 -4.67 15.10
CA TRP A 29 3.04 -4.67 14.91
C TRP A 29 2.61 -4.77 13.46
N LEU A 30 1.42 -5.33 13.26
CA LEU A 30 0.72 -5.27 11.99
C LEU A 30 -0.55 -4.42 12.15
N ALA A 31 -0.74 -3.46 11.26
CA ALA A 31 -1.97 -2.70 11.25
C ALA A 31 -2.82 -3.10 10.06
N SER A 32 -4.13 -3.15 10.25
CA SER A 32 -5.05 -3.48 9.17
C SER A 32 -6.22 -2.52 9.12
N SER A 33 -6.68 -2.23 7.91
CA SER A 33 -7.84 -1.38 7.68
C SER A 33 -8.90 -2.18 6.95
N SER A 34 -10.16 -1.80 7.10
CA SER A 34 -11.24 -2.59 6.53
C SER A 34 -12.43 -1.74 6.10
N ALA A 35 -13.27 -2.33 5.26
CA ALA A 35 -14.54 -1.75 4.89
C ALA A 35 -15.48 -1.67 6.09
N ASP A 36 -15.13 -2.35 7.20
CA ASP A 36 -15.97 -2.30 8.41
C ASP A 36 -15.72 -1.03 9.23
N LYS A 37 -14.98 -0.09 8.65
CA LYS A 37 -14.68 1.23 9.22
C LYS A 37 -13.65 1.19 10.35
N LEU A 38 -13.03 0.04 10.56
CA LEU A 38 -12.12 -0.13 11.69
C LEU A 38 -10.66 -0.31 11.29
N ILE A 39 -9.78 0.13 12.16
CA ILE A 39 -8.36 -0.23 12.12
C ILE A 39 -8.12 -1.24 13.23
N LYS A 40 -7.40 -2.31 12.94
CA LYS A 40 -7.01 -3.25 13.99
C LYS A 40 -5.49 -3.43 14.05
N ILE A 41 -4.98 -3.60 15.27
CA ILE A 41 -3.56 -3.80 15.49
C ILE A 41 -3.33 -5.24 15.95
N TRP A 42 -2.28 -5.88 15.42
CA TRP A 42 -1.96 -7.27 15.72
C TRP A 42 -0.46 -7.42 15.98
N GLY A 43 -0.10 -8.39 16.81
CA GLY A 43 1.30 -8.75 17.00
C GLY A 43 1.90 -9.29 15.71
N ALA A 44 3.03 -8.72 15.28
CA ALA A 44 3.63 -9.11 14.00
C ALA A 44 4.19 -10.52 14.01
N TYR A 45 4.63 -10.97 15.19
CA TYR A 45 5.29 -12.27 15.29
C TYR A 45 4.38 -13.38 15.81
N ASP A 46 3.40 -13.03 16.62
CA ASP A 46 2.50 -14.04 17.19
C ASP A 46 1.09 -13.96 16.60
N GLY A 47 0.81 -12.92 15.83
CA GLY A 47 -0.50 -12.73 15.23
C GLY A 47 -1.60 -12.42 16.23
N LYS A 48 -1.22 -12.14 17.47
CA LYS A 48 -2.18 -11.91 18.54
C LYS A 48 -2.88 -10.56 18.38
N PHE A 49 -4.22 -10.56 18.43
CA PHE A 49 -4.97 -9.32 18.35
C PHE A 49 -4.60 -8.39 19.48
N GLU A 50 -4.37 -7.11 19.16
CA GLU A 50 -3.96 -6.14 20.17
C GLU A 50 -5.08 -5.15 20.52
N LYS A 51 -5.57 -4.41 19.53
CA LYS A 51 -6.60 -3.40 19.79
C LYS A 51 -7.32 -2.96 18.52
N THR A 52 -8.50 -2.37 18.70
CA THR A 52 -9.27 -1.81 17.60
C THR A 52 -9.28 -0.29 17.72
N ILE A 53 -9.11 0.39 16.59
CA ILE A 53 -9.11 1.84 16.54
C ILE A 53 -10.26 2.32 15.64
N SER A 54 -11.13 3.14 16.20
CA SER A 54 -12.41 3.48 15.56
C SER A 54 -12.58 4.98 15.40
N GLY A 55 -13.44 5.39 14.48
CA GLY A 55 -13.71 6.81 14.30
C GLY A 55 -14.21 7.24 12.94
N HIS A 56 -13.75 6.59 11.88
CA HIS A 56 -14.22 6.91 10.54
C HIS A 56 -15.70 6.57 10.42
N LYS A 57 -16.40 7.32 9.57
CA LYS A 57 -17.84 7.18 9.43
C LYS A 57 -18.18 6.24 8.28
N LEU A 58 -17.18 5.96 7.44
CA LEU A 58 -17.33 5.00 6.35
C LEU A 58 -16.11 4.09 6.26
N GLY A 59 -16.13 3.19 5.28
CA GLY A 59 -15.07 2.21 5.12
C GLY A 59 -13.70 2.84 4.89
N ILE A 60 -12.65 2.08 5.20
CA ILE A 60 -11.27 2.55 5.10
C ILE A 60 -10.53 1.78 4.00
N SER A 61 -9.86 2.51 3.09
CA SER A 61 -9.15 1.89 1.97
C SER A 61 -7.66 1.66 2.22
N ASP A 62 -7.10 2.37 3.19
CA ASP A 62 -5.65 2.35 3.36
C ASP A 62 -5.28 2.83 4.75
N VAL A 63 -4.15 2.33 5.23
CA VAL A 63 -3.59 2.76 6.50
C VAL A 63 -2.06 2.74 6.35
N ALA A 64 -1.37 3.62 7.06
CA ALA A 64 0.09 3.68 6.98
C ALA A 64 0.72 4.13 8.29
N TRP A 65 1.95 3.66 8.54
CA TRP A 65 2.69 3.97 9.76
C TRP A 65 3.61 5.18 9.62
N SER A 66 3.78 5.92 10.71
CA SER A 66 4.87 6.90 10.79
C SER A 66 6.18 6.14 10.99
N SER A 67 7.30 6.82 10.75
CA SER A 67 8.61 6.18 10.80
C SER A 67 9.00 5.69 12.20
N ASP A 68 8.45 6.32 13.24
CA ASP A 68 8.80 5.94 14.60
C ASP A 68 7.83 4.90 15.17
N SER A 69 6.92 4.44 14.32
CA SER A 69 5.93 3.40 14.66
C SER A 69 4.86 3.86 15.68
N ASN A 70 4.81 5.16 15.95
CA ASN A 70 3.89 5.67 16.97
C ASN A 70 2.57 6.22 16.43
N LEU A 71 2.54 6.59 15.15
CA LEU A 71 1.34 7.15 14.55
C LEU A 71 0.87 6.31 13.38
N LEU A 72 -0.43 6.38 13.10
CA LEU A 72 -1.01 5.82 11.89
C LEU A 72 -1.78 6.90 11.15
N VAL A 73 -1.85 6.79 9.84
CA VAL A 73 -2.78 7.60 9.08
C VAL A 73 -3.69 6.67 8.27
N SER A 74 -4.97 7.02 8.18
CA SER A 74 -5.93 6.18 7.47
C SER A 74 -6.69 6.98 6.42
N ALA A 75 -7.06 6.32 5.32
CA ALA A 75 -7.81 6.96 4.23
C ALA A 75 -9.19 6.31 4.07
N SER A 76 -10.24 7.13 4.08
CA SER A 76 -11.60 6.62 4.21
C SER A 76 -12.56 7.11 3.12
N ASP A 77 -13.63 6.34 2.91
CA ASP A 77 -14.70 6.74 2.02
C ASP A 77 -15.45 7.95 2.55
N ASP A 78 -15.22 8.32 3.82
CA ASP A 78 -15.91 9.48 4.37
C ASP A 78 -15.23 10.79 3.95
N LYS A 79 -14.33 10.68 2.97
CA LYS A 79 -13.65 11.82 2.34
C LYS A 79 -12.55 12.42 3.20
N THR A 80 -12.27 11.80 4.33
CA THR A 80 -11.23 12.30 5.23
C THR A 80 -10.06 11.34 5.39
N LEU A 81 -8.94 11.87 5.86
CA LEU A 81 -7.91 11.04 6.50
C LEU A 81 -7.87 11.36 7.99
N LYS A 82 -7.47 10.38 8.80
CA LYS A 82 -7.30 10.62 10.22
C LYS A 82 -5.90 10.22 10.67
N ILE A 83 -5.32 11.04 11.54
CA ILE A 83 -4.04 10.70 12.16
C ILE A 83 -4.30 10.16 13.56
N TRP A 84 -3.75 9.00 13.85
CA TRP A 84 -4.00 8.32 15.12
C TRP A 84 -2.74 8.15 15.96
N ASP A 85 -2.85 8.43 17.26
CA ASP A 85 -1.83 8.00 18.22
C ASP A 85 -2.14 6.56 18.59
N VAL A 86 -1.26 5.65 18.18
CA VAL A 86 -1.54 4.22 18.28
C VAL A 86 -1.70 3.75 19.74
N SER A 87 -0.82 4.21 20.62
CA SER A 87 -0.84 3.76 22.02
C SER A 87 -2.11 4.19 22.76
N SER A 88 -2.55 5.42 22.52
CA SER A 88 -3.72 5.94 23.23
C SER A 88 -5.02 5.68 22.47
N GLY A 89 -4.89 5.44 21.16
CA GLY A 89 -6.05 5.21 20.30
C GLY A 89 -6.71 6.50 19.84
N LYS A 90 -6.16 7.63 20.25
CA LYS A 90 -6.80 8.92 19.96
C LYS A 90 -6.58 9.36 18.51
N CYS A 91 -7.65 9.90 17.93
CA CYS A 91 -7.55 10.62 16.67
C CYS A 91 -6.97 12.02 16.93
N LEU A 92 -5.74 12.23 16.48
CA LEU A 92 -5.05 13.49 16.70
C LEU A 92 -5.55 14.58 15.75
N LYS A 93 -5.73 14.20 14.49
N LYS A 93 -5.73 14.20 14.49
CA LYS A 93 -6.21 15.13 13.48
CA LYS A 93 -6.19 15.14 13.47
C LYS A 93 -7.14 14.45 12.48
C LYS A 93 -7.14 14.45 12.48
N THR A 94 -8.11 15.20 11.98
CA THR A 94 -8.92 14.75 10.86
C THR A 94 -8.59 15.65 9.68
N LEU A 95 -8.05 15.07 8.62
CA LEU A 95 -7.61 15.84 7.46
C LEU A 95 -8.76 16.02 6.47
N LYS A 96 -9.23 17.24 6.33
CA LYS A 96 -10.39 17.54 5.49
C LYS A 96 -9.97 18.35 4.26
N GLY A 97 -10.49 17.96 3.10
CA GLY A 97 -10.18 18.70 1.87
C GLY A 97 -10.59 17.97 0.60
N HIS A 98 -10.43 16.65 0.60
CA HIS A 98 -10.85 15.86 -0.55
C HIS A 98 -12.37 15.93 -0.71
N SER A 99 -12.83 15.89 -1.95
CA SER A 99 -14.26 16.03 -2.23
C SER A 99 -14.89 14.69 -2.59
N ASN A 100 -14.13 13.61 -2.44
CA ASN A 100 -14.66 12.26 -2.63
C ASN A 100 -13.78 11.26 -1.87
N TYR A 101 -14.08 9.96 -2.02
CA TYR A 101 -13.35 8.88 -1.33
C TYR A 101 -11.84 9.09 -1.33
N VAL A 102 -11.21 8.93 -0.17
CA VAL A 102 -9.75 8.94 -0.11
C VAL A 102 -9.27 7.49 -0.20
N PHE A 103 -8.41 7.22 -1.18
CA PHE A 103 -8.08 5.85 -1.54
C PHE A 103 -6.72 5.35 -1.02
N CYS A 104 -5.78 6.26 -0.85
CA CYS A 104 -4.41 5.88 -0.53
C CYS A 104 -3.70 6.94 0.31
N CYS A 105 -2.73 6.52 1.14
CA CYS A 105 -2.01 7.44 1.99
C CYS A 105 -0.65 6.90 2.43
N ASN A 106 0.25 7.82 2.80
CA ASN A 106 1.58 7.48 3.27
C ASN A 106 2.22 8.64 4.01
N PHE A 107 3.03 8.33 5.02
CA PHE A 107 3.92 9.32 5.62
C PHE A 107 5.18 9.44 4.75
N ASN A 108 5.82 10.60 4.78
CA ASN A 108 7.18 10.69 4.25
C ASN A 108 8.13 10.14 5.31
N PRO A 109 9.35 9.76 4.92
CA PRO A 109 10.31 9.20 5.90
C PRO A 109 10.50 10.04 7.15
N GLN A 110 10.54 11.36 7.00
CA GLN A 110 10.66 12.26 8.15
C GLN A 110 9.37 12.25 8.97
N SER A 111 8.27 11.88 8.32
CA SER A 111 6.94 11.74 8.93
C SER A 111 6.35 13.06 9.45
N ASN A 112 6.83 14.16 8.88
CA ASN A 112 6.20 15.46 9.13
C ASN A 112 5.11 15.73 8.10
N LEU A 113 5.11 14.94 7.02
CA LEU A 113 4.13 15.10 5.95
C LEU A 113 3.33 13.83 5.69
N ILE A 114 2.10 14.01 5.22
CA ILE A 114 1.30 12.91 4.70
C ILE A 114 0.92 13.23 3.26
N VAL A 115 0.99 12.23 2.38
CA VAL A 115 0.46 12.37 1.03
C VAL A 115 -0.79 11.50 0.89
N SER A 116 -1.76 11.98 0.13
CA SER A 116 -2.99 11.22 -0.10
C SER A 116 -3.43 11.30 -1.55
N GLY A 117 -4.14 10.28 -1.99
CA GLY A 117 -4.75 10.26 -3.32
C GLY A 117 -6.22 9.92 -3.20
N SER A 118 -7.04 10.49 -4.08
CA SER A 118 -8.48 10.37 -3.94
C SER A 118 -9.20 10.06 -5.24
N PHE A 119 -10.46 9.62 -5.09
CA PHE A 119 -11.39 9.47 -6.20
C PHE A 119 -11.62 10.82 -6.90
N ASP A 120 -11.40 11.92 -6.17
CA ASP A 120 -11.59 13.25 -6.76
C ASP A 120 -10.45 13.62 -7.71
N GLU A 121 -9.55 12.67 -7.96
CA GLU A 121 -8.50 12.76 -8.99
C GLU A 121 -7.33 13.66 -8.57
N SER A 122 -7.31 14.07 -7.30
CA SER A 122 -6.24 14.94 -6.83
C SER A 122 -5.28 14.19 -5.90
N VAL A 123 -4.08 14.72 -5.76
CA VAL A 123 -3.13 14.31 -4.74
C VAL A 123 -2.94 15.49 -3.78
N ARG A 124 -3.01 15.22 -2.48
N ARG A 124 -3.01 15.22 -2.48
CA ARG A 124 -2.84 16.29 -1.50
CA ARG A 124 -2.84 16.29 -1.50
C ARG A 124 -1.68 15.99 -0.54
C ARG A 124 -1.69 15.99 -0.53
N ILE A 125 -0.97 17.04 -0.16
CA ILE A 125 0.15 16.95 0.77
C ILE A 125 -0.21 17.68 2.05
N TRP A 126 -0.16 16.96 3.18
CA TRP A 126 -0.63 17.49 4.46
C TRP A 126 0.48 17.65 5.49
N ASP A 127 0.33 18.66 6.35
CA ASP A 127 1.23 18.81 7.49
C ASP A 127 0.69 18.04 8.68
N VAL A 128 1.48 17.09 9.18
CA VAL A 128 1.06 16.19 10.26
C VAL A 128 0.74 16.94 11.56
N LYS A 129 1.55 17.94 11.88
CA LYS A 129 1.40 18.63 13.16
C LYS A 129 0.20 19.57 13.18
N THR A 130 -0.12 20.20 12.04
CA THR A 130 -1.22 21.15 12.02
C THR A 130 -2.49 20.51 11.46
N GLY A 131 -2.34 19.46 10.66
CA GLY A 131 -3.49 18.80 10.07
C GLY A 131 -4.01 19.52 8.85
N LYS A 132 -3.30 20.56 8.44
CA LYS A 132 -3.73 21.36 7.31
C LYS A 132 -3.10 20.90 6.00
N CYS A 133 -3.86 21.03 4.92
CA CYS A 133 -3.38 20.67 3.60
C CYS A 133 -2.41 21.73 3.07
N LEU A 134 -1.22 21.30 2.67
CA LEU A 134 -0.21 22.23 2.16
C LEU A 134 -0.33 22.44 0.66
N LYS A 135 -0.56 21.36 -0.08
CA LYS A 135 -0.65 21.45 -1.53
C LYS A 135 -1.77 20.57 -2.06
N THR A 136 -2.45 21.03 -3.10
CA THR A 136 -3.36 20.18 -3.84
C THR A 136 -2.84 20.06 -5.26
N LEU A 137 -2.49 18.85 -5.66
CA LEU A 137 -1.93 18.63 -6.99
C LEU A 137 -3.00 18.13 -7.95
N PRO A 138 -3.14 18.81 -9.11
CA PRO A 138 -4.05 18.40 -10.18
C PRO A 138 -3.46 17.20 -10.91
N ALA A 139 -3.33 16.10 -10.16
CA ALA A 139 -2.46 15.00 -10.56
C ALA A 139 -2.95 14.21 -11.76
N HIS A 140 -4.24 13.91 -11.80
CA HIS A 140 -4.76 12.93 -12.75
C HIS A 140 -6.16 13.29 -13.25
N SER A 141 -6.63 12.53 -14.23
CA SER A 141 -7.95 12.75 -14.81
C SER A 141 -8.88 11.56 -14.53
N ASP A 142 -8.50 10.77 -13.53
CA ASP A 142 -9.29 9.63 -13.05
C ASP A 142 -8.86 9.37 -11.60
N PRO A 143 -9.59 8.52 -10.86
CA PRO A 143 -9.22 8.29 -9.45
C PRO A 143 -7.76 7.93 -9.24
N VAL A 144 -7.18 8.42 -8.14
CA VAL A 144 -5.79 8.13 -7.82
C VAL A 144 -5.69 6.83 -7.01
N SER A 145 -4.95 5.86 -7.53
CA SER A 145 -4.94 4.52 -6.94
C SER A 145 -3.85 4.34 -5.88
N ALA A 146 -2.77 5.12 -5.97
CA ALA A 146 -1.66 4.98 -5.02
C ALA A 146 -0.80 6.23 -4.96
N VAL A 147 -0.22 6.47 -3.79
CA VAL A 147 0.76 7.54 -3.61
C VAL A 147 1.89 7.04 -2.68
N HIS A 148 3.12 7.47 -2.95
CA HIS A 148 4.28 6.98 -2.20
C HIS A 148 5.44 7.98 -2.24
N PHE A 149 6.10 8.19 -1.10
CA PHE A 149 7.31 9.00 -1.02
C PHE A 149 8.54 8.17 -1.34
N ASN A 150 9.53 8.77 -1.98
CA ASN A 150 10.80 8.06 -2.16
C ASN A 150 11.61 8.06 -0.86
N ARG A 151 12.84 7.56 -0.94
CA ARG A 151 13.63 7.26 0.26
C ARG A 151 13.98 8.50 1.10
N ASP A 152 14.13 9.66 0.47
CA ASP A 152 14.42 10.87 1.23
C ASP A 152 13.26 11.88 1.23
N GLY A 153 12.09 11.44 0.77
CA GLY A 153 10.90 12.26 0.79
C GLY A 153 10.87 13.44 -0.18
N SER A 154 11.87 13.53 -1.05
CA SER A 154 11.95 14.64 -2.01
C SER A 154 11.01 14.44 -3.19
N LEU A 155 10.62 13.19 -3.41
CA LEU A 155 9.74 12.83 -4.53
C LEU A 155 8.49 12.08 -4.08
N ILE A 156 7.41 12.27 -4.82
CA ILE A 156 6.18 11.51 -4.66
C ILE A 156 5.88 10.83 -5.98
N VAL A 157 5.47 9.57 -5.95
CA VAL A 157 4.95 8.96 -7.16
C VAL A 157 3.46 8.70 -6.97
N SER A 158 2.68 8.93 -8.01
CA SER A 158 1.24 8.68 -7.97
C SER A 158 0.83 7.84 -9.18
N SER A 159 -0.26 7.09 -9.04
CA SER A 159 -0.80 6.31 -10.13
C SER A 159 -2.30 6.50 -10.21
N SER A 160 -2.88 6.22 -11.37
CA SER A 160 -4.30 6.46 -11.57
C SER A 160 -4.90 5.56 -12.64
N TYR A 161 -6.22 5.42 -12.58
CA TYR A 161 -6.98 4.72 -13.60
C TYR A 161 -6.84 5.39 -14.98
N ASP A 162 -6.28 6.60 -15.02
CA ASP A 162 -6.11 7.28 -16.30
C ASP A 162 -4.92 6.70 -17.07
N GLY A 163 -4.24 5.73 -16.49
CA GLY A 163 -3.17 5.02 -17.17
C GLY A 163 -1.78 5.59 -16.94
N LEU A 164 -1.69 6.62 -16.11
CA LEU A 164 -0.42 7.32 -15.87
C LEU A 164 0.20 7.06 -14.51
N CYS A 165 1.53 7.03 -14.48
CA CYS A 165 2.28 7.22 -13.25
C CYS A 165 2.98 8.55 -13.34
N ARG A 166 2.93 9.34 -12.27
CA ARG A 166 3.58 10.64 -12.29
C ARG A 166 4.49 10.85 -11.09
N ILE A 167 5.61 11.51 -11.34
CA ILE A 167 6.58 11.81 -10.29
C ILE A 167 6.51 13.30 -9.93
N TRP A 168 6.34 13.58 -8.65
CA TRP A 168 6.15 14.95 -8.16
C TRP A 168 7.26 15.39 -7.23
N ASP A 169 7.71 16.62 -7.40
CA ASP A 169 8.63 17.22 -6.44
C ASP A 169 7.84 17.63 -5.19
N THR A 170 8.19 17.04 -4.05
CA THR A 170 7.46 17.30 -2.81
C THR A 170 7.43 18.78 -2.45
N ALA A 171 8.58 19.44 -2.54
CA ALA A 171 8.72 20.82 -2.10
C ALA A 171 7.94 21.82 -2.97
N SER A 172 8.01 21.65 -4.29
CA SER A 172 7.40 22.61 -5.21
C SER A 172 6.00 22.20 -5.67
N GLY A 173 5.75 20.90 -5.71
CA GLY A 173 4.48 20.39 -6.22
C GLY A 173 4.48 20.20 -7.72
N GLN A 174 5.62 20.47 -8.35
CA GLN A 174 5.74 20.34 -9.80
C GLN A 174 5.80 18.90 -10.27
N CYS A 175 5.06 18.61 -11.34
CA CYS A 175 5.15 17.32 -12.01
C CYS A 175 6.48 17.20 -12.76
N LEU A 176 7.33 16.31 -12.30
CA LEU A 176 8.66 16.15 -12.88
C LEU A 176 8.68 15.14 -14.01
N LYS A 177 7.76 14.19 -13.97
CA LYS A 177 7.77 13.12 -14.95
C LYS A 177 6.42 12.43 -15.09
N THR A 178 6.08 12.08 -16.33
CA THR A 178 4.91 11.26 -16.63
C THR A 178 5.36 10.01 -17.38
N LEU A 179 5.04 8.84 -16.81
CA LEU A 179 5.44 7.59 -17.44
C LEU A 179 4.34 7.01 -18.33
N ILE A 180 4.68 6.83 -19.60
CA ILE A 180 3.82 6.19 -20.59
C ILE A 180 4.52 4.97 -21.16
N ASP A 181 3.80 3.85 -21.26
CA ASP A 181 4.36 2.65 -21.88
C ASP A 181 3.97 2.61 -23.36
N ASP A 182 3.97 1.42 -23.93
CA ASP A 182 3.46 1.22 -25.29
C ASP A 182 1.95 1.35 -25.29
N ASP A 183 1.36 1.10 -24.12
CA ASP A 183 -0.07 1.26 -23.91
C ASP A 183 -0.31 1.83 -22.53
N ASN A 184 -1.53 2.27 -22.25
CA ASN A 184 -1.83 2.83 -20.94
C ASN A 184 -3.10 2.27 -20.27
N PRO A 185 -3.07 0.99 -19.88
CA PRO A 185 -4.16 0.44 -19.08
C PRO A 185 -4.20 1.14 -17.71
N PRO A 186 -5.34 1.11 -17.02
CA PRO A 186 -5.41 1.70 -15.68
C PRO A 186 -4.28 1.25 -14.78
N VAL A 187 -3.62 2.18 -14.11
CA VAL A 187 -2.60 1.83 -13.13
C VAL A 187 -3.24 1.71 -11.74
N SER A 188 -3.16 0.52 -11.16
CA SER A 188 -3.90 0.20 -9.95
C SER A 188 -3.05 0.31 -8.68
N PHE A 189 -1.72 0.38 -8.86
CA PHE A 189 -0.82 0.56 -7.72
C PHE A 189 0.56 0.98 -8.18
N VAL A 190 1.26 1.73 -7.33
CA VAL A 190 2.64 2.13 -7.62
C VAL A 190 3.41 2.42 -6.31
N LYS A 191 4.72 2.16 -6.32
CA LYS A 191 5.59 2.54 -5.21
C LYS A 191 7.06 2.58 -5.62
N PHE A 192 7.84 3.40 -4.96
CA PHE A 192 9.30 3.44 -5.20
C PHE A 192 9.97 2.17 -4.69
N SER A 193 11.08 1.81 -5.31
CA SER A 193 11.95 0.77 -4.78
C SER A 193 12.65 1.32 -3.55
N PRO A 194 13.17 0.44 -2.68
CA PRO A 194 13.89 0.89 -1.48
C PRO A 194 15.02 1.89 -1.76
N ASN A 195 15.78 1.69 -2.83
CA ASN A 195 16.86 2.61 -3.16
C ASN A 195 16.36 3.86 -3.89
N GLY A 196 15.08 3.85 -4.25
CA GLY A 196 14.46 5.01 -4.88
C GLY A 196 14.77 5.18 -6.35
N LYS A 197 15.53 4.25 -6.91
CA LYS A 197 15.91 4.31 -8.33
C LYS A 197 14.80 3.82 -9.25
N TYR A 198 13.93 2.96 -8.74
CA TYR A 198 12.92 2.34 -9.57
C TYR A 198 11.52 2.55 -9.03
N ILE A 199 10.52 2.41 -9.88
CA ILE A 199 9.15 2.31 -9.38
C ILE A 199 8.48 1.04 -9.90
N LEU A 200 7.67 0.44 -9.04
CA LEU A 200 6.94 -0.77 -9.35
C LEU A 200 5.48 -0.39 -9.57
N ALA A 201 4.93 -0.77 -10.71
CA ALA A 201 3.58 -0.36 -11.07
C ALA A 201 2.72 -1.53 -11.52
N ALA A 202 1.50 -1.59 -10.98
CA ALA A 202 0.56 -2.62 -11.36
C ALA A 202 -0.49 -2.03 -12.30
N THR A 203 -0.80 -2.77 -13.36
CA THR A 203 -1.86 -2.34 -14.26
C THR A 203 -2.94 -3.39 -14.33
N LEU A 204 -4.16 -2.95 -14.66
CA LEU A 204 -5.31 -3.85 -14.65
C LEU A 204 -5.39 -4.68 -15.92
N ASP A 205 -4.23 -5.09 -16.43
CA ASP A 205 -4.14 -6.08 -17.49
C ASP A 205 -3.28 -7.25 -17.01
N ASN A 206 -3.38 -7.54 -15.72
CA ASN A 206 -2.69 -8.66 -15.08
C ASN A 206 -1.17 -8.56 -15.21
N THR A 207 -0.62 -7.38 -14.97
CA THR A 207 0.80 -7.16 -15.21
C THR A 207 1.43 -6.21 -14.18
N LEU A 208 2.58 -6.61 -13.66
CA LEU A 208 3.42 -5.72 -12.86
C LEU A 208 4.67 -5.34 -13.65
N LYS A 209 5.03 -4.06 -13.59
CA LYS A 209 6.22 -3.60 -14.29
C LYS A 209 7.16 -2.83 -13.37
N LEU A 210 8.47 -3.09 -13.52
CA LEU A 210 9.49 -2.33 -12.82
C LEU A 210 10.08 -1.27 -13.74
N TRP A 211 9.95 0.00 -13.35
CA TRP A 211 10.41 1.12 -14.17
C TRP A 211 11.65 1.80 -13.62
N ASP A 212 12.62 2.06 -14.49
CA ASP A 212 13.62 3.07 -14.19
C ASP A 212 13.00 4.40 -14.61
N TYR A 213 12.59 5.20 -13.65
CA TYR A 213 11.84 6.41 -13.97
C TYR A 213 12.73 7.55 -14.46
N SER A 214 13.94 7.68 -13.91
CA SER A 214 14.86 8.73 -14.32
C SER A 214 15.21 8.60 -15.80
N LYS A 215 15.24 7.35 -16.29
CA LYS A 215 15.45 7.08 -17.71
C LYS A 215 14.12 6.82 -18.41
N GLY A 216 13.04 6.75 -17.64
CA GLY A 216 11.70 6.57 -18.18
C GLY A 216 11.53 5.35 -19.06
N LYS A 217 12.01 4.19 -18.62
CA LYS A 217 11.83 2.96 -19.38
C LYS A 217 11.58 1.75 -18.49
N CYS A 218 10.79 0.81 -19.01
CA CYS A 218 10.48 -0.43 -18.31
C CYS A 218 11.66 -1.41 -18.35
N LEU A 219 11.93 -2.05 -17.23
CA LEU A 219 13.05 -3.00 -17.14
C LEU A 219 12.57 -4.43 -16.97
N LYS A 220 11.59 -4.63 -16.09
CA LYS A 220 11.08 -5.97 -15.82
C LYS A 220 9.56 -6.04 -15.94
N THR A 221 9.06 -7.24 -16.23
CA THR A 221 7.64 -7.50 -16.30
C THR A 221 7.30 -8.78 -15.55
N TYR A 222 6.26 -8.72 -14.71
CA TYR A 222 5.86 -9.87 -13.91
C TYR A 222 4.42 -10.25 -14.21
N THR A 223 4.20 -11.49 -14.64
CA THR A 223 2.85 -11.96 -14.98
C THR A 223 2.59 -13.35 -14.42
N GLY A 224 1.38 -13.85 -14.68
CA GLY A 224 0.97 -15.15 -14.18
C GLY A 224 -0.18 -15.05 -13.21
N HIS A 225 -0.29 -13.91 -12.53
CA HIS A 225 -1.38 -13.69 -11.57
C HIS A 225 -2.60 -13.07 -12.28
N LYS A 226 -3.65 -12.82 -11.52
CA LYS A 226 -4.84 -12.17 -12.06
C LYS A 226 -5.09 -10.83 -11.38
N ASN A 227 -5.14 -9.78 -12.18
CA ASN A 227 -5.44 -8.45 -11.67
C ASN A 227 -6.09 -7.59 -12.75
N GLU A 228 -7.41 -7.60 -12.77
CA GLU A 228 -8.17 -6.86 -13.77
C GLU A 228 -9.18 -5.90 -13.16
N LYS A 229 -9.36 -5.94 -11.84
CA LYS A 229 -10.43 -5.16 -11.23
C LYS A 229 -10.00 -4.37 -9.99
N TYR A 230 -9.11 -4.95 -9.20
CA TYR A 230 -8.80 -4.37 -7.88
C TYR A 230 -7.44 -3.69 -7.79
N CYS A 231 -7.36 -2.69 -6.92
CA CYS A 231 -6.10 -2.03 -6.62
C CYS A 231 -5.33 -2.84 -5.59
N ILE A 232 -4.59 -3.83 -6.09
CA ILE A 232 -3.83 -4.75 -5.26
C ILE A 232 -2.42 -4.24 -4.99
N PHE A 233 -2.04 -4.20 -3.72
CA PHE A 233 -0.70 -3.79 -3.31
C PHE A 233 0.37 -4.73 -3.89
N ALA A 234 1.58 -4.22 -4.04
CA ALA A 234 2.72 -5.05 -4.39
C ALA A 234 3.92 -4.60 -3.57
N ASN A 235 4.88 -5.50 -3.36
CA ASN A 235 6.00 -5.21 -2.47
C ASN A 235 7.35 -5.62 -3.02
N PHE A 236 8.39 -4.94 -2.57
CA PHE A 236 9.75 -5.45 -2.68
C PHE A 236 10.09 -6.21 -1.41
N SER A 237 10.37 -7.49 -1.54
CA SER A 237 10.84 -8.28 -0.40
C SER A 237 12.37 -8.28 -0.38
N VAL A 238 12.97 -7.81 0.71
CA VAL A 238 14.41 -7.58 0.74
C VAL A 238 15.15 -8.25 1.90
N THR A 239 14.42 -8.90 2.82
CA THR A 239 15.05 -9.48 4.00
C THR A 239 15.81 -10.77 3.70
N GLY A 240 15.32 -11.54 2.73
CA GLY A 240 16.01 -12.74 2.29
C GLY A 240 16.40 -12.61 0.83
N GLY A 241 15.87 -13.51 0.01
CA GLY A 241 16.04 -13.38 -1.43
C GLY A 241 15.30 -12.16 -1.92
N LYS A 242 15.72 -11.62 -3.05
CA LYS A 242 15.09 -10.42 -3.59
C LYS A 242 13.87 -10.77 -4.43
N TRP A 243 12.68 -10.56 -3.85
CA TRP A 243 11.44 -10.95 -4.51
C TRP A 243 10.53 -9.79 -4.84
N ILE A 244 9.57 -10.06 -5.71
CA ILE A 244 8.40 -9.20 -5.88
C ILE A 244 7.19 -9.95 -5.32
N VAL A 245 6.43 -9.30 -4.45
CA VAL A 245 5.27 -9.92 -3.81
C VAL A 245 3.98 -9.18 -4.14
N SER A 246 2.94 -9.90 -4.55
CA SER A 246 1.65 -9.29 -4.83
C SER A 246 0.48 -10.23 -4.58
N GLY A 247 -0.67 -9.65 -4.26
CA GLY A 247 -1.90 -10.42 -4.16
C GLY A 247 -2.44 -10.69 -5.54
N SER A 248 -3.58 -11.37 -5.62
CA SER A 248 -4.13 -11.78 -6.91
C SER A 248 -5.62 -12.06 -6.79
N GLU A 249 -6.33 -11.91 -7.90
CA GLU A 249 -7.78 -12.09 -7.89
C GLU A 249 -8.17 -13.57 -8.04
N ASP A 250 -7.17 -14.46 -8.03
CA ASP A 250 -7.43 -15.89 -7.96
C ASP A 250 -7.18 -16.44 -6.54
N ASN A 251 -7.19 -15.52 -5.57
CA ASN A 251 -7.09 -15.83 -4.13
C ASN A 251 -5.71 -16.29 -3.67
N LEU A 252 -4.68 -16.04 -4.48
CA LEU A 252 -3.34 -16.48 -4.13
C LEU A 252 -2.38 -15.30 -3.90
N VAL A 253 -1.34 -15.55 -3.11
CA VAL A 253 -0.22 -14.63 -3.01
C VAL A 253 0.87 -15.08 -3.98
N TYR A 254 1.24 -14.20 -4.90
CA TYR A 254 2.28 -14.52 -5.88
C TYR A 254 3.63 -13.93 -5.48
N ILE A 255 4.67 -14.74 -5.61
CA ILE A 255 6.03 -14.29 -5.34
C ILE A 255 6.92 -14.54 -6.57
N TRP A 256 7.53 -13.47 -7.09
CA TRP A 256 8.40 -13.58 -8.25
C TRP A 256 9.85 -13.35 -7.87
N ASN A 257 10.75 -14.04 -8.57
CA ASN A 257 12.15 -13.65 -8.57
C ASN A 257 12.24 -12.28 -9.26
N LEU A 258 12.86 -11.31 -8.60
CA LEU A 258 12.90 -9.96 -9.14
C LEU A 258 13.66 -9.93 -10.47
N GLN A 259 14.71 -10.74 -10.57
CA GLN A 259 15.58 -10.76 -11.74
C GLN A 259 15.04 -11.61 -12.88
N THR A 260 14.89 -12.90 -12.63
CA THR A 260 14.47 -13.85 -13.67
C THR A 260 13.00 -13.66 -14.06
N LYS A 261 12.26 -12.92 -13.24
CA LYS A 261 10.83 -12.65 -13.43
C LYS A 261 9.98 -13.90 -13.32
N GLU A 262 10.59 -15.01 -12.89
CA GLU A 262 9.87 -16.26 -12.74
C GLU A 262 9.12 -16.32 -11.41
N ILE A 263 7.93 -16.93 -11.44
CA ILE A 263 7.18 -17.22 -10.24
C ILE A 263 7.93 -18.26 -9.41
N VAL A 264 8.26 -17.91 -8.18
CA VAL A 264 9.01 -18.83 -7.32
C VAL A 264 8.12 -19.45 -6.24
N GLN A 265 6.98 -18.84 -5.95
CA GLN A 265 6.01 -19.44 -5.03
C GLN A 265 4.62 -18.82 -5.17
N LYS A 266 3.59 -19.65 -4.93
CA LYS A 266 2.22 -19.18 -4.89
C LYS A 266 1.55 -19.67 -3.60
N LEU A 267 1.15 -18.75 -2.73
CA LEU A 267 0.64 -19.14 -1.41
C LEU A 267 -0.87 -19.36 -1.41
N GLN A 268 -1.28 -20.59 -1.08
N GLN A 268 -1.28 -20.58 -1.06
CA GLN A 268 -2.70 -20.95 -1.05
CA GLN A 268 -2.69 -20.97 -1.06
C GLN A 268 -3.25 -20.89 0.36
C GLN A 268 -3.27 -20.94 0.37
N GLY A 269 -4.51 -20.48 0.50
CA GLY A 269 -5.15 -20.42 1.80
C GLY A 269 -6.37 -19.50 1.83
N HIS A 270 -6.25 -18.34 1.20
CA HIS A 270 -7.36 -17.39 1.16
C HIS A 270 -8.51 -17.90 0.30
N THR A 271 -9.72 -17.42 0.58
CA THR A 271 -10.92 -17.90 -0.12
C THR A 271 -11.58 -16.78 -0.93
N ASP A 272 -10.92 -15.64 -1.00
CA ASP A 272 -11.37 -14.53 -1.82
C ASP A 272 -10.13 -13.74 -2.26
N VAL A 273 -10.34 -12.75 -3.12
CA VAL A 273 -9.26 -11.93 -3.65
C VAL A 273 -8.30 -11.47 -2.57
N VAL A 274 -7.01 -11.69 -2.80
CA VAL A 274 -5.97 -11.16 -1.92
C VAL A 274 -5.64 -9.74 -2.36
N ILE A 275 -6.15 -8.77 -1.62
CA ILE A 275 -6.09 -7.36 -2.02
C ILE A 275 -4.79 -6.69 -1.57
N SER A 276 -4.18 -7.22 -0.50
CA SER A 276 -3.06 -6.56 0.12
C SER A 276 -2.05 -7.55 0.66
N THR A 277 -0.78 -7.22 0.47
CA THR A 277 0.32 -7.94 1.07
C THR A 277 1.32 -6.95 1.62
N ALA A 278 2.07 -7.37 2.63
CA ALA A 278 3.12 -6.55 3.22
C ALA A 278 4.28 -7.42 3.64
N CYS A 279 5.50 -6.87 3.58
CA CYS A 279 6.70 -7.63 3.93
C CYS A 279 7.32 -7.06 5.19
N HIS A 280 7.65 -7.93 6.13
CA HIS A 280 8.22 -7.51 7.40
C HIS A 280 9.59 -6.87 7.17
N PRO A 281 9.91 -5.81 7.95
CA PRO A 281 11.14 -5.05 7.69
C PRO A 281 12.45 -5.80 7.97
N THR A 282 12.44 -6.82 8.82
CA THR A 282 13.69 -7.51 9.18
C THR A 282 13.62 -9.04 9.09
N GLU A 283 12.43 -9.60 9.22
CA GLU A 283 12.25 -11.05 9.12
C GLU A 283 11.58 -11.44 7.81
N ASN A 284 11.79 -12.70 7.40
CA ASN A 284 11.14 -13.25 6.22
C ASN A 284 9.68 -13.58 6.51
N ILE A 285 8.89 -12.54 6.73
CA ILE A 285 7.48 -12.70 7.05
C ILE A 285 6.62 -11.88 6.09
N ILE A 286 5.58 -12.51 5.54
CA ILE A 286 4.62 -11.83 4.69
C ILE A 286 3.23 -11.82 5.35
N ALA A 287 2.58 -10.66 5.34
CA ALA A 287 1.19 -10.55 5.73
C ALA A 287 0.33 -10.42 4.48
N SER A 288 -0.79 -11.12 4.46
CA SER A 288 -1.73 -11.02 3.34
C SER A 288 -3.14 -10.80 3.88
N ALA A 289 -3.98 -10.10 3.11
CA ALA A 289 -5.35 -9.87 3.54
C ALA A 289 -6.32 -9.99 2.36
N ALA A 290 -7.54 -10.41 2.64
CA ALA A 290 -8.48 -10.74 1.57
C ALA A 290 -9.82 -10.03 1.66
N LEU A 291 -10.58 -10.11 0.58
CA LEU A 291 -11.82 -9.36 0.45
C LEU A 291 -13.01 -10.01 1.15
N GLU A 292 -14.21 -9.56 0.80
CA GLU A 292 -15.41 -9.75 1.60
C GLU A 292 -15.80 -11.21 1.92
N ASN A 293 -15.52 -12.14 1.02
CA ASN A 293 -15.93 -13.53 1.22
C ASN A 293 -14.96 -14.28 2.13
N ASP A 294 -13.86 -13.63 2.49
CA ASP A 294 -12.79 -14.25 3.29
C ASP A 294 -12.67 -13.52 4.63
N LYS A 295 -12.29 -12.24 4.56
CA LYS A 295 -12.20 -11.33 5.71
C LYS A 295 -11.01 -11.59 6.63
N THR A 296 -10.17 -12.56 6.30
CA THR A 296 -9.05 -12.89 7.19
C THR A 296 -7.71 -12.31 6.71
N ILE A 297 -6.80 -12.18 7.68
CA ILE A 297 -5.42 -11.80 7.43
C ILE A 297 -4.53 -13.01 7.72
N LYS A 298 -3.54 -13.26 6.87
CA LYS A 298 -2.67 -14.41 7.10
C LYS A 298 -1.21 -13.99 7.22
N LEU A 299 -0.52 -14.61 8.17
CA LEU A 299 0.90 -14.39 8.38
C LEU A 299 1.68 -15.62 7.93
N TRP A 300 2.64 -15.40 7.02
CA TRP A 300 3.43 -16.47 6.44
C TRP A 300 4.89 -16.27 6.77
N LYS A 301 5.64 -17.35 6.96
CA LYS A 301 7.07 -17.21 7.19
C LYS A 301 7.90 -18.21 6.40
N SER A 302 9.02 -17.73 5.86
CA SER A 302 9.96 -18.55 5.11
C SER A 302 11.28 -18.64 5.88
N ASP A 303 12.09 -19.63 5.54
CA ASP A 303 13.41 -19.78 6.14
C ASP A 303 14.45 -18.96 5.38
N CYS A 304 14.06 -18.45 4.21
CA CYS A 304 14.96 -17.67 3.39
C CYS A 304 14.20 -16.62 2.57
N11 HH7 B . -6.76 -0.41 -1.01
CL1 HH7 B . -15.24 -4.51 -3.28
C02 HH7 B . -13.81 -3.68 -2.63
C03 HH7 B . -13.38 -3.95 -1.20
C04 HH7 B . -12.15 -3.25 -0.63
CL2 HH7 B . -11.66 -3.57 1.05
C06 HH7 B . -11.34 -2.28 -1.48
O07 HH7 B . -10.22 -1.65 -0.91
C08 HH7 B . -9.58 -0.70 -1.72
C09 HH7 B . -8.46 -1.38 -2.49
C10 HH7 B . -7.27 -1.64 -1.58
C12 HH7 B . -5.66 0.29 -1.65
N13 HH7 B . -4.99 -0.15 -2.88
C14 HH7 B . -3.96 0.81 -3.17
C15 HH7 B . -3.99 1.88 -2.10
N16 HH7 B . -5.05 1.52 -1.18
C17 HH7 B . -11.77 -1.99 -2.93
C18 HH7 B . -13.01 -2.71 -3.50
S DMS C . -13.58 1.01 1.82
O DMS C . -15.05 0.79 2.00
C1 DMS C . -12.72 -0.58 1.97
C2 DMS C . -13.38 1.32 0.05
S SO4 D . 5.90 -3.39 2.34
O1 SO4 D . 6.46 -4.73 2.33
O2 SO4 D . 6.81 -2.47 3.01
O3 SO4 D . 5.70 -2.95 0.96
O4 SO4 D . 4.62 -3.40 3.03
#